data_3IN1
#
_entry.id   3IN1
#
_cell.length_a   75.577
_cell.length_b   88.301
_cell.length_c   116.608
_cell.angle_alpha   90.00
_cell.angle_beta   90.00
_cell.angle_gamma   90.00
#
_symmetry.space_group_name_H-M   'P 21 21 21'
#
loop_
_entity.id
_entity.type
_entity.pdbx_description
1 polymer 'Uncharacterized sugar kinase ydjH'
2 non-polymer "ADENOSINE-5'-DIPHOSPHATE"
3 non-polymer 'SODIUM ION'
4 water water
#
_entity_poly.entity_id   1
_entity_poly.type   'polypeptide(L)'
_entity_poly.pdbx_seq_one_letter_code
;(MSE)SLDNLDVICIGAAIVDIPLQPVSKNIFDVDSYPLERIA(MSE)TTGGDAINEATIISRLGHRTAL(MSE)SRIGK
DAAGQFILDHCRKENIDIQSLKQDVSIDTSINVGLVTEDGERTFVTNRNGSLWKLNIDDVDFARFSQAKLLSLASIFNSP
LLDGKALTEIFTQAKARQ(MSE)IICAD(MSE)IKPRLNETLDDICEALSYVDYLFPNFAEAKLLTGKETLDEIADCFLA
CGVKTVVIKTGKDGCFIKRGD(MSE)T(MSE)KVPAVAGITAIDTIGAGDNFASGFIAALLEGKNLRECARFANATAAIS
VLSVGATTGVKNRKLVEQLLEEYEGEGHHHHHH
;
_entity_poly.pdbx_strand_id   A,B
#
# COMPACT_ATOMS: atom_id res chain seq x y z
N ASN A 5 0.51 2.39 1.94
CA ASN A 5 1.71 1.61 1.53
C ASN A 5 2.20 2.02 0.14
N LEU A 6 1.44 2.89 -0.52
CA LEU A 6 1.78 3.38 -1.84
C LEU A 6 2.63 4.64 -1.70
N ASP A 7 3.84 4.60 -2.25
CA ASP A 7 4.72 5.77 -2.17
C ASP A 7 4.72 6.63 -3.43
N VAL A 8 4.70 5.99 -4.60
CA VAL A 8 4.75 6.73 -5.84
C VAL A 8 3.68 6.40 -6.89
N ILE A 9 3.19 7.47 -7.51
CA ILE A 9 2.24 7.35 -8.58
C ILE A 9 2.98 7.94 -9.76
N CYS A 10 3.15 7.13 -10.80
CA CYS A 10 3.84 7.58 -11.99
C CYS A 10 2.84 7.69 -13.13
N ILE A 11 2.85 8.84 -13.81
CA ILE A 11 1.93 9.03 -14.93
C ILE A 11 2.70 9.12 -16.23
N GLY A 12 2.28 8.34 -17.22
CA GLY A 12 2.94 8.36 -18.51
C GLY A 12 2.46 7.23 -19.39
N ALA A 13 2.93 7.19 -20.63
CA ALA A 13 2.52 6.14 -21.55
C ALA A 13 3.35 4.87 -21.39
N ALA A 14 2.67 3.75 -21.20
CA ALA A 14 3.35 2.47 -21.07
C ALA A 14 3.31 1.94 -22.49
N ILE A 15 4.47 1.50 -23.00
CA ILE A 15 4.52 0.97 -24.36
C ILE A 15 5.33 -0.32 -24.45
N VAL A 16 5.37 -0.89 -25.65
CA VAL A 16 6.10 -2.11 -25.90
C VAL A 16 7.15 -1.93 -27.01
N ASP A 17 8.34 -2.44 -26.76
CA ASP A 17 9.43 -2.37 -27.74
C ASP A 17 9.64 -3.77 -28.31
N ILE A 18 10.09 -3.82 -29.55
CA ILE A 18 10.42 -5.08 -30.19
C ILE A 18 11.75 -4.84 -30.88
N PRO A 19 12.86 -5.17 -30.20
CA PRO A 19 14.19 -4.96 -30.75
C PRO A 19 14.55 -6.02 -31.79
N LEU A 20 15.03 -5.57 -32.94
CA LEU A 20 15.43 -6.48 -34.00
C LEU A 20 16.91 -6.21 -34.23
N GLN A 21 17.74 -7.10 -33.69
CA GLN A 21 19.18 -6.94 -33.79
C GLN A 21 19.86 -8.30 -33.91
N PRO A 22 20.87 -8.40 -34.79
CA PRO A 22 21.35 -7.29 -35.62
C PRO A 22 20.89 -7.53 -37.06
N VAL A 23 20.53 -6.46 -37.76
CA VAL A 23 20.10 -6.59 -39.15
C VAL A 23 21.07 -5.85 -40.07
N SER A 24 21.08 -6.25 -41.34
CA SER A 24 21.94 -5.61 -42.32
C SER A 24 21.44 -4.20 -42.60
N LYS A 25 22.38 -3.29 -42.87
CA LYS A 25 22.06 -1.90 -43.15
C LYS A 25 21.26 -1.76 -44.44
N ASN A 26 21.46 -2.72 -45.34
CA ASN A 26 20.73 -2.77 -46.62
C ASN A 26 19.77 -3.93 -46.42
N ILE A 27 18.82 -3.70 -45.53
CA ILE A 27 17.80 -4.65 -45.12
C ILE A 27 17.12 -5.47 -46.22
N PHE A 28 16.81 -4.86 -47.35
CA PHE A 28 16.13 -5.58 -48.43
C PHE A 28 17.08 -6.37 -49.32
N ASP A 29 18.36 -6.40 -48.97
CA ASP A 29 19.32 -7.14 -49.76
C ASP A 29 18.93 -8.61 -49.78
N VAL A 30 18.40 -9.08 -48.67
CA VAL A 30 17.98 -10.46 -48.58
C VAL A 30 16.49 -10.54 -48.33
N ASP A 31 15.99 -11.77 -48.37
CA ASP A 31 14.58 -12.03 -48.20
C ASP A 31 14.11 -12.22 -46.76
N SER A 32 14.98 -12.77 -45.91
CA SER A 32 14.60 -13.01 -44.52
C SER A 32 15.77 -12.92 -43.56
N TYR A 33 15.47 -12.56 -42.31
CA TYR A 33 16.49 -12.47 -41.28
C TYR A 33 16.09 -13.38 -40.14
N PRO A 34 16.65 -14.59 -40.09
CA PRO A 34 16.28 -15.48 -39.00
C PRO A 34 17.09 -15.07 -37.76
N LEU A 35 16.47 -14.27 -36.90
CA LEU A 35 17.13 -13.81 -35.69
C LEU A 35 17.10 -14.86 -34.58
N GLU A 36 17.95 -14.64 -33.58
CA GLU A 36 18.07 -15.53 -32.44
C GLU A 36 16.77 -15.54 -31.65
N ARG A 37 16.09 -14.40 -31.63
CA ARG A 37 14.85 -14.29 -30.90
C ARG A 37 14.12 -13.00 -31.20
N ILE A 38 12.79 -13.07 -31.23
CA ILE A 38 11.99 -11.88 -31.44
C ILE A 38 10.95 -11.93 -30.33
N ALA A 39 11.00 -10.93 -29.46
CA ALA A 39 10.09 -10.89 -28.32
C ALA A 39 9.86 -9.45 -27.87
N THR A 41 9.24 -6.33 -25.10
CA THR A 41 9.88 -5.85 -23.87
C THR A 41 9.12 -4.59 -23.50
N THR A 42 8.94 -4.32 -22.21
CA THR A 42 8.22 -3.12 -21.79
C THR A 42 9.14 -1.93 -21.89
N GLY A 43 8.62 -0.82 -22.42
CA GLY A 43 9.43 0.37 -22.54
C GLY A 43 8.63 1.60 -22.15
N GLY A 44 9.24 2.76 -22.34
CA GLY A 44 8.56 3.99 -21.99
C GLY A 44 9.10 4.44 -20.65
N ASP A 45 9.18 5.74 -20.47
CA ASP A 45 9.71 6.30 -19.23
C ASP A 45 8.90 5.88 -18.01
N ALA A 46 7.58 5.97 -18.11
CA ALA A 46 6.72 5.61 -16.99
C ALA A 46 6.93 4.17 -16.53
N ILE A 47 6.91 3.25 -17.47
CA ILE A 47 7.10 1.83 -17.15
C ILE A 47 8.48 1.59 -16.54
N ASN A 48 9.51 2.13 -17.18
CA ASN A 48 10.87 1.96 -16.67
C ASN A 48 10.98 2.47 -15.24
N GLU A 49 10.47 3.66 -14.99
CA GLU A 49 10.53 4.23 -13.64
C GLU A 49 9.78 3.45 -12.59
N ALA A 50 8.51 3.13 -12.86
CA ALA A 50 7.71 2.37 -11.91
C ALA A 50 8.43 1.04 -11.64
N THR A 51 9.02 0.47 -12.67
CA THR A 51 9.72 -0.79 -12.54
C THR A 51 10.95 -0.68 -11.65
N ILE A 52 11.80 0.32 -11.90
CA ILE A 52 13.01 0.46 -11.10
C ILE A 52 12.71 0.92 -9.69
N ILE A 53 11.79 1.87 -9.53
CA ILE A 53 11.43 2.35 -8.20
C ILE A 53 10.93 1.18 -7.36
N SER A 54 10.12 0.31 -7.97
CA SER A 54 9.58 -0.85 -7.27
C SER A 54 10.71 -1.78 -6.82
N ARG A 55 11.66 -2.06 -7.71
CA ARG A 55 12.78 -2.93 -7.35
C ARG A 55 13.65 -2.32 -6.26
N LEU A 56 13.69 -0.98 -6.20
CA LEU A 56 14.50 -0.30 -5.19
C LEU A 56 13.85 -0.34 -3.82
N GLY A 57 12.62 -0.83 -3.77
CA GLY A 57 11.93 -0.97 -2.50
C GLY A 57 10.74 -0.08 -2.25
N HIS A 58 10.35 0.72 -3.23
CA HIS A 58 9.21 1.61 -3.04
C HIS A 58 8.03 1.26 -3.93
N ARG A 59 6.92 0.95 -3.25
CA ARG A 59 5.66 0.59 -3.87
C ARG A 59 5.15 1.68 -4.81
N THR A 60 4.88 1.31 -6.05
CA THR A 60 4.45 2.27 -7.06
C THR A 60 3.16 1.90 -7.80
N ALA A 61 2.49 2.91 -8.34
CA ALA A 61 1.27 2.71 -9.09
C ALA A 61 1.47 3.42 -10.42
N LEU A 62 1.07 2.77 -11.51
CA LEU A 62 1.21 3.39 -12.82
C LEU A 62 -0.15 3.80 -13.34
N SER A 64 -2.05 5.04 -16.68
CA SER A 64 -1.87 5.14 -18.12
C SER A 64 -3.09 4.50 -18.79
N ARG A 65 -3.04 4.39 -20.11
CA ARG A 65 -4.12 3.75 -20.84
C ARG A 65 -3.53 3.05 -22.05
N ILE A 66 -3.80 1.75 -22.15
CA ILE A 66 -3.28 0.95 -23.23
C ILE A 66 -4.44 0.33 -24.00
N GLY A 67 -4.12 -0.42 -25.05
CA GLY A 67 -5.18 -1.05 -25.82
C GLY A 67 -5.54 -2.41 -25.26
N LYS A 68 -6.62 -2.97 -25.77
CA LYS A 68 -7.10 -4.29 -25.36
C LYS A 68 -6.43 -5.28 -26.33
N ASP A 69 -5.10 -5.36 -26.26
CA ASP A 69 -4.37 -6.24 -27.19
C ASP A 69 -3.23 -7.03 -26.56
N ALA A 70 -2.49 -7.73 -27.41
CA ALA A 70 -1.37 -8.55 -26.95
C ALA A 70 -0.26 -7.74 -26.27
N ALA A 71 0.01 -6.55 -26.79
CA ALA A 71 1.03 -5.71 -26.20
C ALA A 71 0.55 -5.18 -24.85
N GLY A 72 -0.72 -4.79 -24.79
CA GLY A 72 -1.29 -4.29 -23.55
C GLY A 72 -1.23 -5.37 -22.47
N GLN A 73 -1.54 -6.59 -22.89
CA GLN A 73 -1.52 -7.74 -21.98
C GLN A 73 -0.12 -7.96 -21.44
N PHE A 74 0.88 -7.84 -22.33
CA PHE A 74 2.26 -8.02 -21.93
C PHE A 74 2.65 -6.98 -20.86
N ILE A 75 2.15 -5.76 -21.01
CA ILE A 75 2.44 -4.70 -20.06
C ILE A 75 1.88 -5.03 -18.68
N LEU A 76 0.61 -5.40 -18.65
CA LEU A 76 -0.07 -5.74 -17.41
C LEU A 76 0.61 -6.89 -16.69
N ASP A 77 1.05 -7.88 -17.46
CA ASP A 77 1.74 -9.03 -16.87
C ASP A 77 3.09 -8.60 -16.31
N HIS A 78 3.74 -7.68 -17.00
CA HIS A 78 5.04 -7.19 -16.54
C HIS A 78 4.82 -6.49 -15.20
N CYS A 79 3.80 -5.64 -15.14
CA CYS A 79 3.50 -4.92 -13.93
C CYS A 79 3.16 -5.86 -12.79
N ARG A 80 2.41 -6.91 -13.08
CA ARG A 80 2.04 -7.86 -12.03
C ARG A 80 3.25 -8.56 -11.47
N LYS A 81 4.21 -8.87 -12.35
CA LYS A 81 5.41 -9.54 -11.90
C LYS A 81 6.32 -8.59 -11.12
N GLU A 82 6.25 -7.30 -11.43
CA GLU A 82 7.08 -6.32 -10.74
C GLU A 82 6.37 -5.76 -9.51
N ASN A 83 5.13 -6.19 -9.29
CA ASN A 83 4.32 -5.72 -8.18
C ASN A 83 3.94 -4.26 -8.28
N ILE A 84 3.79 -3.78 -9.50
CA ILE A 84 3.38 -2.39 -9.74
C ILE A 84 1.86 -2.38 -9.60
N ASP A 85 1.32 -1.39 -8.91
CA ASP A 85 -0.12 -1.27 -8.74
C ASP A 85 -0.70 -0.91 -10.11
N ILE A 86 -1.64 -1.69 -10.61
CA ILE A 86 -2.23 -1.43 -11.92
C ILE A 86 -3.73 -1.09 -11.91
N GLN A 87 -4.23 -0.64 -10.77
CA GLN A 87 -5.64 -0.30 -10.65
C GLN A 87 -6.03 0.83 -11.61
N SER A 88 -5.11 1.77 -11.84
CA SER A 88 -5.38 2.91 -12.72
C SER A 88 -4.75 2.78 -14.11
N LEU A 89 -4.41 1.56 -14.51
CA LEU A 89 -3.84 1.32 -15.82
C LEU A 89 -4.95 0.66 -16.63
N LYS A 90 -5.81 1.48 -17.22
CA LYS A 90 -6.95 0.96 -17.96
C LYS A 90 -6.65 0.53 -19.39
N GLN A 91 -7.50 -0.36 -19.90
CA GLN A 91 -7.40 -0.87 -21.26
C GLN A 91 -8.57 -0.26 -22.04
N ASP A 92 -8.33 0.02 -23.33
CA ASP A 92 -9.34 0.62 -24.20
C ASP A 92 -9.34 -0.11 -25.54
N VAL A 93 -10.47 -0.72 -25.91
CA VAL A 93 -10.56 -1.44 -27.18
C VAL A 93 -10.51 -0.53 -28.39
N SER A 94 -10.74 0.75 -28.18
CA SER A 94 -10.74 1.71 -29.27
C SER A 94 -9.34 2.16 -29.71
N ILE A 95 -8.30 1.68 -29.03
CA ILE A 95 -6.94 2.06 -29.39
C ILE A 95 -5.94 0.91 -29.42
N ASP A 96 -4.82 1.15 -30.07
CA ASP A 96 -3.76 0.15 -30.14
C ASP A 96 -2.63 0.59 -29.23
N THR A 97 -2.11 -0.36 -28.44
CA THR A 97 -1.01 -0.06 -27.55
C THR A 97 0.17 0.26 -28.46
N SER A 98 0.89 1.34 -28.17
CA SER A 98 2.03 1.72 -29.00
C SER A 98 3.07 0.61 -29.01
N ILE A 99 3.57 0.30 -30.20
CA ILE A 99 4.61 -0.71 -30.35
C ILE A 99 5.75 -0.10 -31.14
N ASN A 100 6.92 -0.01 -30.53
CA ASN A 100 8.09 0.56 -31.19
C ASN A 100 9.03 -0.55 -31.65
N VAL A 101 9.24 -0.67 -32.95
CA VAL A 101 10.14 -1.68 -33.47
C VAL A 101 11.49 -0.99 -33.66
N GLY A 102 12.51 -1.48 -32.95
CA GLY A 102 13.83 -0.88 -33.05
C GLY A 102 14.78 -1.76 -33.79
N LEU A 103 15.27 -1.30 -34.94
CA LEU A 103 16.21 -2.08 -35.73
C LEU A 103 17.64 -1.63 -35.42
N VAL A 104 18.56 -2.58 -35.39
CA VAL A 104 19.95 -2.27 -35.09
C VAL A 104 20.85 -3.12 -35.96
N THR A 105 21.88 -2.49 -36.52
CA THR A 105 22.82 -3.18 -37.38
C THR A 105 23.98 -3.73 -36.57
N GLU A 106 24.58 -4.80 -37.09
CA GLU A 106 25.71 -5.46 -36.44
C GLU A 106 26.92 -4.55 -36.49
N ASP A 107 26.69 -3.27 -36.17
CA ASP A 107 27.74 -2.26 -36.19
C ASP A 107 27.38 -1.10 -35.27
N GLY A 108 26.09 -0.98 -34.94
CA GLY A 108 25.66 0.09 -34.05
C GLY A 108 24.49 0.91 -34.53
N GLU A 109 24.36 1.07 -35.84
CA GLU A 109 23.27 1.86 -36.42
C GLU A 109 21.88 1.51 -35.88
N ARG A 110 21.10 2.54 -35.58
CA ARG A 110 19.77 2.35 -35.04
C ARG A 110 18.69 3.17 -35.76
N THR A 111 17.48 2.64 -35.76
CA THR A 111 16.34 3.30 -36.37
C THR A 111 15.08 2.79 -35.66
N PHE A 112 14.02 3.57 -35.70
CA PHE A 112 12.78 3.17 -35.03
C PHE A 112 11.56 3.35 -35.92
N VAL A 113 10.71 2.32 -35.95
CA VAL A 113 9.46 2.39 -36.71
C VAL A 113 8.41 2.49 -35.60
N THR A 114 7.59 3.55 -35.64
CA THR A 114 6.58 3.75 -34.61
C THR A 114 5.17 3.92 -35.14
N ASN A 115 4.22 3.88 -34.20
CA ASN A 115 2.81 4.03 -34.51
C ASN A 115 2.35 5.44 -34.16
N ARG A 116 2.31 6.30 -35.18
CA ARG A 116 1.90 7.68 -35.00
C ARG A 116 0.54 7.82 -34.30
N ASN A 117 -0.26 6.76 -34.30
CA ASN A 117 -1.58 6.78 -33.66
C ASN A 117 -1.71 5.88 -32.43
N GLY A 118 -0.58 5.39 -31.93
CA GLY A 118 -0.60 4.52 -30.77
C GLY A 118 -1.11 5.16 -29.49
N SER A 119 -1.34 4.34 -28.47
CA SER A 119 -1.83 4.80 -27.18
C SER A 119 -1.00 5.92 -26.57
N LEU A 120 0.29 5.95 -26.88
CA LEU A 120 1.16 7.00 -26.33
C LEU A 120 0.63 8.40 -26.66
N TRP A 121 0.14 8.56 -27.88
CA TRP A 121 -0.40 9.85 -28.35
C TRP A 121 -1.80 10.12 -27.83
N LYS A 122 -2.48 9.07 -27.38
CA LYS A 122 -3.85 9.23 -26.91
C LYS A 122 -3.98 9.60 -25.45
N LEU A 123 -2.94 9.33 -24.66
CA LEU A 123 -2.99 9.64 -23.25
C LEU A 123 -3.36 11.09 -23.00
N ASN A 124 -4.24 11.33 -22.03
CA ASN A 124 -4.67 12.69 -21.69
C ASN A 124 -5.09 12.75 -20.23
N ILE A 125 -5.42 13.95 -19.75
CA ILE A 125 -5.77 14.15 -18.34
C ILE A 125 -6.91 13.26 -17.86
N ASP A 126 -7.69 12.76 -18.81
CA ASP A 126 -8.80 11.90 -18.45
C ASP A 126 -8.39 10.54 -17.91
N ASP A 127 -7.14 10.15 -18.17
CA ASP A 127 -6.66 8.87 -17.69
C ASP A 127 -6.02 9.01 -16.32
N VAL A 128 -6.10 10.22 -15.76
CA VAL A 128 -5.53 10.49 -14.45
C VAL A 128 -6.64 10.43 -13.39
N ASP A 129 -6.46 9.58 -12.39
CA ASP A 129 -7.46 9.42 -11.33
C ASP A 129 -7.03 10.17 -10.08
N PHE A 130 -7.50 11.40 -9.94
CA PHE A 130 -7.15 12.24 -8.80
C PHE A 130 -7.53 11.67 -7.43
N ALA A 131 -8.60 10.89 -7.39
CA ALA A 131 -9.05 10.31 -6.13
C ALA A 131 -7.93 9.51 -5.46
N ARG A 132 -7.08 8.89 -6.25
CA ARG A 132 -6.00 8.08 -5.70
C ARG A 132 -4.80 8.88 -5.22
N PHE A 133 -4.72 10.15 -5.61
CA PHE A 133 -3.60 10.99 -5.22
C PHE A 133 -3.25 11.02 -3.73
N SER A 134 -4.26 10.95 -2.87
CA SER A 134 -4.00 10.98 -1.43
C SER A 134 -3.41 9.68 -0.89
N GLN A 135 -3.24 8.69 -1.76
CA GLN A 135 -2.69 7.42 -1.35
C GLN A 135 -1.16 7.35 -1.42
N ALA A 136 -0.55 8.25 -2.17
CA ALA A 136 0.91 8.26 -2.32
C ALA A 136 1.57 9.56 -1.83
N LYS A 137 2.88 9.51 -1.65
CA LYS A 137 3.63 10.66 -1.19
C LYS A 137 4.27 11.44 -2.31
N LEU A 138 4.52 10.76 -3.43
CA LEU A 138 5.19 11.43 -4.53
C LEU A 138 4.62 11.13 -5.90
N LEU A 139 4.49 12.18 -6.69
CA LEU A 139 3.97 12.07 -8.05
C LEU A 139 5.12 12.23 -9.04
N SER A 140 5.24 11.30 -9.95
CA SER A 140 6.28 11.35 -10.96
C SER A 140 5.63 11.39 -12.33
N LEU A 141 5.81 12.50 -13.03
CA LEU A 141 5.25 12.66 -14.36
C LEU A 141 6.35 12.17 -15.31
N ALA A 142 6.26 10.91 -15.69
CA ALA A 142 7.27 10.32 -16.56
C ALA A 142 7.27 10.94 -17.94
N SER A 143 7.90 12.11 -18.01
CA SER A 143 8.12 12.86 -19.22
C SER A 143 7.12 13.86 -19.79
N ILE A 144 7.43 15.11 -19.52
CA ILE A 144 6.68 16.24 -20.03
C ILE A 144 6.96 16.23 -21.54
N PHE A 145 5.92 16.46 -22.33
CA PHE A 145 5.96 16.48 -23.79
C PHE A 145 5.83 15.09 -24.43
N ASN A 146 6.04 14.03 -23.65
CA ASN A 146 5.96 12.67 -24.19
C ASN A 146 4.57 12.43 -24.81
N SER A 147 3.52 12.67 -24.03
CA SER A 147 2.14 12.51 -24.50
C SER A 147 1.63 13.95 -24.66
N PRO A 148 1.66 14.46 -25.89
CA PRO A 148 1.24 15.81 -26.29
C PRO A 148 -0.05 16.36 -25.68
N LEU A 149 -1.08 15.53 -25.56
CA LEU A 149 -2.34 16.01 -25.01
C LEU A 149 -2.19 16.43 -23.56
N LEU A 150 -1.12 15.97 -22.91
CA LEU A 150 -0.86 16.36 -21.53
C LEU A 150 -0.05 17.65 -21.60
N ASP A 151 -0.66 18.69 -22.15
CA ASP A 151 -0.02 19.98 -22.31
C ASP A 151 0.01 20.77 -21.01
N GLY A 152 0.51 22.00 -21.11
CA GLY A 152 0.60 22.88 -19.95
C GLY A 152 -0.64 22.98 -19.09
N LYS A 153 -1.79 23.24 -19.71
CA LYS A 153 -3.03 23.38 -18.96
C LYS A 153 -3.39 22.09 -18.22
N ALA A 154 -3.22 20.95 -18.88
CA ALA A 154 -3.50 19.66 -18.25
C ALA A 154 -2.54 19.45 -17.07
N LEU A 155 -1.24 19.66 -17.29
CA LEU A 155 -0.26 19.47 -16.23
C LEU A 155 -0.51 20.41 -15.06
N THR A 156 -0.91 21.64 -15.35
CA THR A 156 -1.19 22.59 -14.29
C THR A 156 -2.31 22.05 -13.41
N GLU A 157 -3.32 21.43 -14.03
CA GLU A 157 -4.43 20.88 -13.27
C GLU A 157 -3.98 19.62 -12.53
N ILE A 158 -3.24 18.75 -13.20
CA ILE A 158 -2.75 17.55 -12.56
C ILE A 158 -1.93 17.94 -11.34
N PHE A 159 -0.96 18.84 -11.53
CA PHE A 159 -0.10 19.28 -10.44
C PHE A 159 -0.85 20.02 -9.34
N THR A 160 -1.89 20.75 -9.73
CA THR A 160 -2.68 21.48 -8.73
C THR A 160 -3.38 20.46 -7.82
N GLN A 161 -3.91 19.39 -8.42
CA GLN A 161 -4.58 18.36 -7.65
C GLN A 161 -3.60 17.61 -6.75
N ALA A 162 -2.36 17.46 -7.22
CA ALA A 162 -1.33 16.75 -6.48
C ALA A 162 -0.92 17.55 -5.24
N LYS A 163 -0.78 18.86 -5.47
CA LYS A 163 -0.39 19.76 -4.35
C LYS A 163 -1.43 19.90 -3.24
N ALA A 164 -2.70 19.71 -3.55
CA ALA A 164 -3.67 19.72 -2.47
C ALA A 164 -3.29 18.27 -2.22
N ARG A 165 -3.26 17.79 -0.98
CA ARG A 165 -2.80 16.38 -0.75
C ARG A 165 -1.30 16.40 -0.48
N GLN A 166 -0.70 17.57 -0.62
CA GLN A 166 0.73 17.71 -0.30
C GLN A 166 1.76 16.73 -0.96
N ILE A 168 4.87 15.33 -3.33
CA ILE A 168 6.11 15.90 -3.85
C ILE A 168 5.93 15.68 -5.34
N ILE A 169 6.30 16.67 -6.16
CA ILE A 169 6.14 16.52 -7.60
C ILE A 169 7.46 16.43 -8.35
N CYS A 170 7.62 15.35 -9.10
CA CYS A 170 8.83 15.10 -9.87
C CYS A 170 8.47 14.94 -11.33
N ALA A 171 9.34 15.42 -12.20
CA ALA A 171 9.09 15.33 -13.63
C ALA A 171 10.35 15.28 -14.46
N ASP A 172 10.31 14.45 -15.50
CA ASP A 172 11.41 14.34 -16.44
C ASP A 172 10.86 14.97 -17.72
N ILE A 174 11.29 15.24 -22.39
CA ILE A 174 11.85 14.74 -23.63
C ILE A 174 11.76 15.95 -24.56
N LYS A 175 12.33 15.83 -25.76
CA LYS A 175 12.26 16.93 -26.71
C LYS A 175 10.81 17.05 -27.15
N PRO A 176 10.29 18.28 -27.22
CA PRO A 176 8.90 18.49 -27.63
C PRO A 176 8.64 17.82 -28.97
N ARG A 177 7.46 17.23 -29.13
CA ARG A 177 7.13 16.56 -30.39
C ARG A 177 6.38 17.49 -31.35
N LEU A 178 5.64 18.43 -30.80
CA LEU A 178 4.84 19.35 -31.61
C LEU A 178 5.24 20.83 -31.57
N ASN A 179 6.54 21.11 -31.56
CA ASN A 179 7.05 22.48 -31.54
C ASN A 179 6.77 23.29 -30.28
N GLU A 180 6.34 22.64 -29.21
CA GLU A 180 6.07 23.40 -27.98
C GLU A 180 7.35 24.07 -27.48
N THR A 181 7.20 25.09 -26.67
CA THR A 181 8.35 25.81 -26.12
C THR A 181 8.23 25.84 -24.61
N LEU A 182 9.28 26.35 -23.95
CA LEU A 182 9.30 26.45 -22.50
C LEU A 182 8.09 27.25 -22.04
N ASP A 183 7.67 28.20 -22.88
CA ASP A 183 6.50 29.03 -22.61
C ASP A 183 5.27 28.22 -22.32
N ASP A 184 5.05 27.20 -23.14
CA ASP A 184 3.88 26.34 -23.05
C ASP A 184 3.75 25.58 -21.73
N ILE A 185 4.83 25.51 -20.96
CA ILE A 185 4.78 24.77 -19.71
C ILE A 185 5.32 25.52 -18.50
N CYS A 186 5.64 26.79 -18.68
CA CYS A 186 6.20 27.56 -17.56
C CYS A 186 5.26 27.57 -16.36
N GLU A 187 3.96 27.74 -16.57
CA GLU A 187 3.05 27.73 -15.43
C GLU A 187 3.00 26.36 -14.76
N ALA A 188 2.97 25.29 -15.54
CA ALA A 188 2.93 23.95 -14.98
C ALA A 188 4.21 23.70 -14.19
N LEU A 189 5.34 24.19 -14.71
CA LEU A 189 6.62 24.00 -14.03
C LEU A 189 6.71 24.66 -12.64
N SER A 190 5.93 25.72 -12.40
CA SER A 190 6.01 26.38 -11.09
C SER A 190 5.57 25.48 -9.93
N TYR A 191 4.92 24.38 -10.25
CA TYR A 191 4.45 23.42 -9.23
C TYR A 191 5.45 22.29 -9.01
N VAL A 192 6.46 22.19 -9.87
CA VAL A 192 7.44 21.11 -9.78
C VAL A 192 8.52 21.28 -8.71
N ASP A 193 8.70 20.24 -7.91
CA ASP A 193 9.69 20.22 -6.84
C ASP A 193 11.06 19.79 -7.36
N TYR A 194 11.08 18.75 -8.19
CA TYR A 194 12.32 18.25 -8.77
C TYR A 194 12.13 18.00 -10.25
N LEU A 195 12.89 18.72 -11.06
CA LEU A 195 12.83 18.57 -12.51
C LEU A 195 14.14 17.90 -12.93
N PHE A 196 14.05 16.89 -13.80
CA PHE A 196 15.24 16.15 -14.25
C PHE A 196 15.51 16.29 -15.75
N PRO A 197 15.93 17.48 -16.21
CA PRO A 197 16.20 17.63 -17.64
C PRO A 197 17.47 16.90 -18.07
N ASN A 198 17.57 16.65 -19.38
CA ASN A 198 18.75 16.02 -19.95
C ASN A 198 19.50 17.23 -20.49
N PHE A 199 20.81 17.29 -20.28
CA PHE A 199 21.58 18.45 -20.72
C PHE A 199 21.35 18.93 -22.15
N ALA A 200 21.56 18.04 -23.13
CA ALA A 200 21.41 18.42 -24.53
C ALA A 200 20.01 18.92 -24.87
N GLU A 201 18.99 18.25 -24.36
CA GLU A 201 17.62 18.65 -24.65
C GLU A 201 17.27 19.94 -23.93
N ALA A 202 17.76 20.11 -22.71
CA ALA A 202 17.49 21.32 -21.94
C ALA A 202 18.16 22.50 -22.64
N LYS A 203 19.34 22.25 -23.20
CA LYS A 203 20.07 23.31 -23.90
C LYS A 203 19.26 23.75 -25.10
N LEU A 204 18.75 22.78 -25.85
CA LEU A 204 17.96 23.07 -27.04
C LEU A 204 16.65 23.77 -26.66
N LEU A 205 16.09 23.42 -25.52
CA LEU A 205 14.83 24.00 -25.06
C LEU A 205 14.92 25.41 -24.51
N THR A 206 15.94 25.69 -23.73
CA THR A 206 16.09 26.99 -23.12
C THR A 206 16.88 27.96 -23.99
N GLY A 207 17.65 27.44 -24.93
CA GLY A 207 18.46 28.30 -25.78
C GLY A 207 19.70 28.82 -25.07
N LYS A 208 19.96 28.31 -23.87
CA LYS A 208 21.15 28.72 -23.09
C LYS A 208 22.26 27.70 -23.26
N GLU A 209 23.49 28.07 -22.92
CA GLU A 209 24.62 27.17 -23.11
C GLU A 209 25.36 26.65 -21.89
N THR A 210 25.23 27.31 -20.76
CA THR A 210 25.92 26.85 -19.56
C THR A 210 24.91 26.23 -18.60
N LEU A 211 25.41 25.33 -17.76
CA LEU A 211 24.56 24.65 -16.79
C LEU A 211 23.79 25.63 -15.89
N ASP A 212 24.49 26.65 -15.39
CA ASP A 212 23.85 27.64 -14.53
C ASP A 212 22.74 28.37 -15.26
N GLU A 213 23.02 28.80 -16.47
CA GLU A 213 22.06 29.54 -17.27
C GLU A 213 20.86 28.69 -17.66
N ILE A 214 21.12 27.43 -17.99
CA ILE A 214 20.06 26.52 -18.37
C ILE A 214 19.18 26.30 -17.15
N ALA A 215 19.82 26.05 -16.01
CA ALA A 215 19.08 25.81 -14.78
C ALA A 215 18.27 27.02 -14.38
N ASP A 216 18.79 28.22 -14.62
CA ASP A 216 18.07 29.44 -14.27
C ASP A 216 16.75 29.60 -15.00
N CYS A 217 16.68 29.12 -16.24
CA CYS A 217 15.43 29.23 -17.00
C CYS A 217 14.32 28.46 -16.30
N PHE A 218 14.65 27.28 -15.79
CA PHE A 218 13.64 26.47 -15.11
C PHE A 218 13.29 27.03 -13.75
N LEU A 219 14.31 27.48 -13.02
CA LEU A 219 14.09 28.06 -11.70
C LEU A 219 13.23 29.32 -11.82
N ALA A 220 13.43 30.09 -12.88
CA ALA A 220 12.65 31.30 -13.10
C ALA A 220 11.17 30.96 -13.28
N CYS A 221 10.87 29.77 -13.81
CA CYS A 221 9.46 29.36 -13.98
C CYS A 221 8.88 28.88 -12.65
N GLY A 222 9.70 28.79 -11.62
CA GLY A 222 9.19 28.35 -10.33
C GLY A 222 9.56 26.95 -9.86
N VAL A 223 10.35 26.22 -10.64
CA VAL A 223 10.78 24.88 -10.25
C VAL A 223 11.62 25.02 -8.98
N LYS A 224 11.44 24.13 -8.00
CA LYS A 224 12.21 24.24 -6.76
C LYS A 224 13.65 23.78 -6.87
N THR A 225 13.85 22.60 -7.45
CA THR A 225 15.19 22.03 -7.62
C THR A 225 15.34 21.48 -9.03
N VAL A 226 16.44 21.84 -9.68
CA VAL A 226 16.70 21.36 -11.03
C VAL A 226 17.87 20.40 -10.98
N VAL A 227 17.69 19.22 -11.54
CA VAL A 227 18.74 18.20 -11.55
C VAL A 227 19.01 17.84 -13.00
N ILE A 228 20.03 18.48 -13.57
CA ILE A 228 20.37 18.25 -14.96
C ILE A 228 21.32 17.07 -15.09
N LYS A 229 20.95 16.10 -15.90
CA LYS A 229 21.78 14.93 -16.13
C LYS A 229 22.82 15.27 -17.18
N THR A 230 24.08 15.07 -16.83
CA THR A 230 25.18 15.37 -17.74
C THR A 230 25.95 14.11 -18.12
N GLY A 231 25.22 13.02 -18.26
CA GLY A 231 25.81 11.75 -18.64
C GLY A 231 27.07 11.35 -17.91
N LYS A 232 28.15 11.23 -18.67
CA LYS A 232 29.46 10.85 -18.15
C LYS A 232 29.94 11.73 -17.00
N ASP A 233 29.47 12.96 -16.93
CA ASP A 233 29.91 13.86 -15.87
C ASP A 233 29.01 13.81 -14.64
N GLY A 234 28.05 12.90 -14.62
CA GLY A 234 27.14 12.78 -13.49
C GLY A 234 25.92 13.67 -13.62
N CYS A 235 25.79 14.64 -12.72
CA CYS A 235 24.65 15.54 -12.77
C CYS A 235 24.98 16.89 -12.16
N PHE A 236 24.20 17.90 -12.54
CA PHE A 236 24.35 19.25 -12.05
C PHE A 236 23.06 19.58 -11.33
N ILE A 237 23.16 19.99 -10.07
CA ILE A 237 21.97 20.31 -9.31
C ILE A 237 21.96 21.78 -8.92
N LYS A 238 20.78 22.38 -8.97
CA LYS A 238 20.65 23.78 -8.59
C LYS A 238 19.33 24.06 -7.88
N ARG A 239 19.41 24.74 -6.75
CA ARG A 239 18.23 25.08 -5.97
C ARG A 239 18.49 26.45 -5.36
N GLY A 240 17.65 27.42 -5.68
CA GLY A 240 17.87 28.75 -5.16
C GLY A 240 19.20 29.18 -5.74
N ASP A 241 20.11 29.67 -4.89
CA ASP A 241 21.42 30.09 -5.38
C ASP A 241 22.48 29.00 -5.26
N THR A 243 24.46 25.63 -6.04
CA THR A 243 24.69 24.72 -7.14
C THR A 243 25.62 23.64 -6.60
N LYS A 245 27.79 19.99 -8.19
CA LYS A 245 28.05 19.03 -9.25
C LYS A 245 28.36 17.73 -8.56
N VAL A 246 27.75 16.65 -9.03
CA VAL A 246 27.99 15.34 -8.43
C VAL A 246 28.49 14.42 -9.54
N PRO A 247 29.78 14.07 -9.50
CA PRO A 247 30.43 13.20 -10.47
C PRO A 247 29.77 11.84 -10.65
N ALA A 248 29.80 11.32 -11.87
CA ALA A 248 29.22 10.02 -12.17
C ALA A 248 30.09 8.95 -11.53
N VAL A 249 29.58 7.72 -11.47
CA VAL A 249 30.37 6.63 -10.91
C VAL A 249 31.59 6.54 -11.82
N ALA A 250 32.77 6.43 -11.23
CA ALA A 250 34.00 6.37 -12.02
C ALA A 250 34.32 5.01 -12.61
N GLY A 251 35.01 5.03 -13.76
CA GLY A 251 35.43 3.80 -14.42
C GLY A 251 34.50 3.15 -15.42
N ILE A 252 33.20 3.39 -15.27
CA ILE A 252 32.21 2.78 -16.15
C ILE A 252 32.24 3.08 -17.64
N THR A 253 32.16 1.98 -18.39
CA THR A 253 32.14 1.99 -19.84
C THR A 253 30.71 1.58 -20.20
N ALA A 254 29.96 2.50 -20.79
CA ALA A 254 28.57 2.23 -21.14
C ALA A 254 28.35 1.38 -22.38
N ILE A 255 27.53 0.35 -22.25
CA ILE A 255 27.20 -0.50 -23.39
C ILE A 255 26.28 0.38 -24.23
N ASP A 256 25.19 0.81 -23.61
CA ASP A 256 24.22 1.70 -24.24
C ASP A 256 23.48 2.39 -23.10
N THR A 257 23.17 3.67 -23.29
CA THR A 257 22.51 4.45 -22.26
C THR A 257 21.00 4.56 -22.43
N ILE A 258 20.39 3.63 -23.16
CA ILE A 258 18.94 3.68 -23.33
C ILE A 258 18.33 3.54 -21.95
N GLY A 259 17.46 4.48 -21.58
CA GLY A 259 16.80 4.42 -20.27
C GLY A 259 17.66 4.84 -19.09
N ALA A 260 18.89 5.29 -19.36
CA ALA A 260 19.77 5.71 -18.27
C ALA A 260 19.08 6.82 -17.46
N GLY A 261 18.46 7.78 -18.15
CA GLY A 261 17.78 8.86 -17.47
C GLY A 261 16.65 8.36 -16.58
N ASP A 262 15.91 7.35 -17.04
CA ASP A 262 14.81 6.78 -16.25
C ASP A 262 15.34 6.12 -14.99
N ASN A 263 16.48 5.42 -15.12
CA ASN A 263 17.09 4.74 -13.99
C ASN A 263 17.60 5.79 -13.01
N PHE A 264 18.16 6.87 -13.55
CA PHE A 264 18.64 7.98 -12.72
C PHE A 264 17.51 8.53 -11.88
N ALA A 265 16.43 8.94 -12.55
CA ALA A 265 15.27 9.49 -11.84
C ALA A 265 14.75 8.53 -10.78
N SER A 266 14.69 7.26 -11.13
CA SER A 266 14.20 6.25 -10.17
C SER A 266 15.06 6.22 -8.92
N GLY A 267 16.38 6.13 -9.11
CA GLY A 267 17.29 6.10 -7.98
C GLY A 267 17.18 7.37 -7.15
N PHE A 268 17.00 8.51 -7.80
CA PHE A 268 16.88 9.78 -7.08
C PHE A 268 15.61 9.78 -6.23
N ILE A 269 14.49 9.39 -6.83
CA ILE A 269 13.21 9.35 -6.12
C ILE A 269 13.28 8.42 -4.92
N ALA A 270 13.95 7.28 -5.08
CA ALA A 270 14.06 6.33 -3.97
C ALA A 270 14.80 6.96 -2.80
N ALA A 271 15.91 7.62 -3.09
CA ALA A 271 16.72 8.27 -2.06
C ALA A 271 15.93 9.37 -1.37
N LEU A 272 15.17 10.10 -2.17
CA LEU A 272 14.33 11.19 -1.70
C LEU A 272 13.32 10.70 -0.67
N LEU A 273 12.63 9.63 -1.00
CA LEU A 273 11.61 9.06 -0.13
C LEU A 273 12.25 8.52 1.16
N GLU A 274 13.52 8.16 1.08
CA GLU A 274 14.22 7.62 2.24
C GLU A 274 14.86 8.74 3.08
N GLY A 275 14.60 10.00 2.70
CA GLY A 275 15.12 11.12 3.46
C GLY A 275 16.61 11.46 3.35
N LYS A 276 17.28 11.04 2.28
CA LYS A 276 18.70 11.34 2.12
C LYS A 276 18.89 12.80 1.73
N ASN A 277 20.07 13.35 1.98
CA ASN A 277 20.30 14.74 1.61
C ASN A 277 20.49 14.80 0.10
N LEU A 278 20.40 16.00 -0.45
CA LEU A 278 20.51 16.20 -1.87
C LEU A 278 21.72 15.55 -2.55
N ARG A 279 22.89 15.61 -1.92
CA ARG A 279 24.07 15.02 -2.53
C ARG A 279 23.94 13.50 -2.55
N GLU A 280 23.44 12.95 -1.45
CA GLU A 280 23.24 11.51 -1.34
C GLU A 280 22.20 11.04 -2.37
N CYS A 281 21.18 11.84 -2.61
CA CYS A 281 20.17 11.44 -3.60
C CYS A 281 20.83 11.40 -4.96
N ALA A 282 21.69 12.37 -5.23
CA ALA A 282 22.38 12.41 -6.52
C ALA A 282 23.27 11.19 -6.70
N ARG A 283 24.01 10.83 -5.65
CA ARG A 283 24.91 9.67 -5.75
C ARG A 283 24.12 8.40 -5.95
N PHE A 284 23.00 8.26 -5.26
CA PHE A 284 22.19 7.06 -5.41
C PHE A 284 21.68 6.98 -6.84
N ALA A 285 21.27 8.13 -7.39
CA ALA A 285 20.76 8.19 -8.75
C ALA A 285 21.88 7.87 -9.76
N ASN A 286 23.07 8.43 -9.55
CA ASN A 286 24.18 8.17 -10.46
C ASN A 286 24.55 6.69 -10.44
N ALA A 287 24.51 6.09 -9.25
CA ALA A 287 24.84 4.67 -9.08
C ALA A 287 23.83 3.75 -9.76
N THR A 288 22.54 4.09 -9.64
CA THR A 288 21.47 3.31 -10.26
C THR A 288 21.61 3.38 -11.78
N ALA A 289 21.79 4.60 -12.28
CA ALA A 289 21.94 4.84 -13.70
C ALA A 289 23.21 4.16 -14.23
N ALA A 290 24.27 4.19 -13.44
CA ALA A 290 25.54 3.57 -13.84
C ALA A 290 25.35 2.08 -14.09
N ILE A 291 24.65 1.41 -13.19
CA ILE A 291 24.39 -0.02 -13.33
C ILE A 291 23.61 -0.32 -14.60
N SER A 292 22.66 0.56 -14.95
CA SER A 292 21.83 0.33 -16.14
C SER A 292 22.56 0.48 -17.47
N VAL A 293 23.58 1.32 -17.53
CA VAL A 293 24.30 1.52 -18.77
C VAL A 293 25.28 0.37 -19.02
N LEU A 294 25.50 -0.45 -18.00
CA LEU A 294 26.41 -1.59 -18.11
C LEU A 294 25.72 -2.80 -18.72
N SER A 295 24.42 -2.71 -18.95
CA SER A 295 23.66 -3.80 -19.54
C SER A 295 22.87 -3.27 -20.73
N VAL A 296 22.46 -4.16 -21.62
CA VAL A 296 21.68 -3.76 -22.78
C VAL A 296 20.22 -3.73 -22.35
N GLY A 297 19.51 -2.69 -22.75
CA GLY A 297 18.11 -2.58 -22.36
C GLY A 297 17.96 -1.62 -21.21
N ALA A 298 16.80 -1.00 -21.10
CA ALA A 298 16.53 -0.03 -20.05
C ALA A 298 16.49 -0.59 -18.63
N THR A 299 15.75 -1.69 -18.42
CA THR A 299 15.63 -2.25 -17.08
C THR A 299 16.40 -3.55 -16.83
N THR A 300 17.37 -3.85 -17.67
CA THR A 300 18.16 -5.06 -17.53
C THR A 300 19.10 -5.04 -16.32
N GLY A 301 19.97 -4.04 -16.28
CA GLY A 301 20.94 -3.92 -15.20
C GLY A 301 20.44 -3.94 -13.77
N VAL A 302 19.57 -3.00 -13.42
CA VAL A 302 19.08 -2.93 -12.05
C VAL A 302 18.05 -4.01 -11.75
N LYS A 303 18.55 -5.20 -11.45
CA LYS A 303 17.69 -6.34 -11.15
C LYS A 303 17.06 -6.27 -9.76
N ASN A 304 17.81 -5.79 -8.77
CA ASN A 304 17.27 -5.69 -7.42
C ASN A 304 17.62 -4.36 -6.76
N ARG A 305 18.38 -4.40 -5.68
CA ARG A 305 18.80 -3.19 -5.01
C ARG A 305 20.22 -3.36 -4.49
N LYS A 306 20.51 -4.56 -4.00
CA LYS A 306 21.83 -4.89 -3.49
C LYS A 306 22.89 -4.47 -4.50
N LEU A 307 22.62 -4.70 -5.79
CA LEU A 307 23.54 -4.34 -6.86
C LEU A 307 23.92 -2.86 -6.82
N VAL A 308 22.93 -1.99 -6.61
CA VAL A 308 23.18 -0.56 -6.56
C VAL A 308 23.96 -0.20 -5.29
N GLU A 309 23.55 -0.74 -4.16
CA GLU A 309 24.21 -0.47 -2.89
C GLU A 309 25.66 -0.93 -2.89
N GLN A 310 25.97 -1.97 -3.65
CA GLN A 310 27.33 -2.46 -3.72
C GLN A 310 28.16 -1.49 -4.55
N LEU A 311 27.57 -0.97 -5.62
CA LEU A 311 28.29 -0.03 -6.45
C LEU A 311 28.59 1.21 -5.62
N LEU A 312 27.69 1.51 -4.70
CA LEU A 312 27.83 2.68 -3.82
C LEU A 312 29.04 2.58 -2.90
N GLU A 313 29.40 1.37 -2.50
CA GLU A 313 30.57 1.19 -1.63
C GLU A 313 31.82 1.34 -2.49
N GLU A 314 31.64 1.33 -3.80
CA GLU A 314 32.75 1.45 -4.75
C GLU A 314 32.61 2.61 -5.74
N TYR A 315 31.85 3.63 -5.35
CA TYR A 315 31.61 4.78 -6.22
C TYR A 315 32.86 5.33 -6.92
N GLU A 316 34.02 5.18 -6.29
CA GLU A 316 35.27 5.68 -6.87
C GLU A 316 36.00 4.69 -7.77
N ASN B 5 -21.70 -13.34 37.40
CA ASN B 5 -20.91 -14.30 36.57
C ASN B 5 -20.51 -13.72 35.22
N LEU B 6 -21.43 -12.98 34.58
CA LEU B 6 -21.14 -12.38 33.28
C LEU B 6 -20.22 -11.17 33.42
N ASP B 7 -19.00 -11.28 32.88
CA ASP B 7 -18.02 -10.21 32.94
C ASP B 7 -17.94 -9.31 31.71
N VAL B 8 -18.17 -9.89 30.53
CA VAL B 8 -18.05 -9.14 29.30
C VAL B 8 -19.16 -9.38 28.29
N ILE B 9 -19.56 -8.30 27.62
CA ILE B 9 -20.55 -8.38 26.57
C ILE B 9 -19.81 -7.90 25.33
N CYS B 10 -19.68 -8.79 24.35
CA CYS B 10 -18.98 -8.44 23.13
C CYS B 10 -20.04 -8.26 22.03
N ILE B 11 -19.91 -7.18 21.28
CA ILE B 11 -20.84 -6.88 20.19
C ILE B 11 -20.11 -6.81 18.88
N GLY B 12 -20.51 -7.65 17.93
CA GLY B 12 -19.86 -7.66 16.62
C GLY B 12 -20.43 -8.74 15.73
N ALA B 13 -19.87 -8.86 14.54
CA ALA B 13 -20.33 -9.86 13.58
C ALA B 13 -19.64 -11.21 13.72
N ALA B 14 -20.43 -12.26 13.95
CA ALA B 14 -19.91 -13.60 14.06
C ALA B 14 -19.95 -14.17 12.64
N ILE B 15 -18.83 -14.68 12.14
CA ILE B 15 -18.79 -15.23 10.78
C ILE B 15 -18.01 -16.54 10.73
N VAL B 16 -17.90 -17.11 9.52
CA VAL B 16 -17.14 -18.33 9.34
C VAL B 16 -16.15 -18.14 8.20
N ASP B 17 -15.00 -18.79 8.31
CA ASP B 17 -13.95 -18.70 7.30
C ASP B 17 -13.61 -20.06 6.70
N ILE B 18 -13.22 -20.05 5.44
CA ILE B 18 -12.80 -21.25 4.76
C ILE B 18 -11.47 -20.88 4.12
N PRO B 19 -10.36 -21.19 4.80
CA PRO B 19 -9.03 -20.87 4.29
C PRO B 19 -8.58 -21.90 3.25
N LEU B 20 -8.12 -21.43 2.10
CA LEU B 20 -7.65 -22.31 1.04
C LEU B 20 -6.18 -22.05 0.77
N GLN B 21 -5.32 -23.01 1.13
CA GLN B 21 -3.88 -22.88 0.95
C GLN B 21 -3.18 -24.20 0.70
N PRO B 22 -2.20 -24.21 -0.19
CA PRO B 22 -1.80 -23.00 -0.91
C PRO B 22 -2.26 -23.11 -2.37
N VAL B 23 -2.72 -22.01 -2.94
CA VAL B 23 -3.16 -22.03 -4.31
C VAL B 23 -2.21 -21.22 -5.17
N SER B 24 -2.29 -21.41 -6.48
CA SER B 24 -1.41 -20.68 -7.39
C SER B 24 -1.76 -19.22 -7.54
N LYS B 25 -0.74 -18.42 -7.77
CA LYS B 25 -0.89 -17.00 -7.98
C LYS B 25 -1.82 -16.90 -9.19
N ASN B 26 -1.52 -17.75 -10.17
CA ASN B 26 -2.28 -17.84 -11.40
C ASN B 26 -3.30 -18.94 -11.18
N ILE B 27 -4.23 -18.70 -10.27
CA ILE B 27 -5.24 -19.67 -9.90
C ILE B 27 -5.93 -20.41 -11.04
N PHE B 28 -6.28 -19.71 -12.11
CA PHE B 28 -6.94 -20.41 -13.20
C PHE B 28 -5.92 -21.20 -14.00
N ASP B 29 -6.38 -21.97 -14.97
CA ASP B 29 -5.48 -22.84 -15.73
C ASP B 29 -5.13 -23.92 -14.72
N VAL B 30 -5.69 -25.11 -14.91
CA VAL B 30 -5.50 -26.30 -14.06
C VAL B 30 -6.78 -27.09 -14.02
N ASP B 31 -7.77 -26.51 -13.35
CA ASP B 31 -9.09 -27.08 -13.13
C ASP B 31 -9.17 -27.62 -11.71
N SER B 32 -8.02 -27.99 -11.13
CA SER B 32 -8.03 -28.55 -9.78
C SER B 32 -6.85 -28.27 -8.85
N TYR B 33 -7.18 -28.20 -7.57
CA TYR B 33 -6.21 -28.00 -6.49
C TYR B 33 -6.64 -28.91 -5.37
N PRO B 34 -6.12 -30.15 -5.33
CA PRO B 34 -6.51 -31.05 -4.26
C PRO B 34 -5.75 -30.68 -2.98
N LEU B 35 -6.36 -29.85 -2.13
CA LEU B 35 -5.73 -29.43 -0.89
C LEU B 35 -5.76 -30.52 0.18
N GLU B 36 -4.91 -30.33 1.19
CA GLU B 36 -4.81 -31.26 2.29
C GLU B 36 -6.08 -31.28 3.14
N ARG B 37 -6.73 -30.12 3.24
CA ARG B 37 -7.95 -30.01 4.02
C ARG B 37 -8.70 -28.75 3.67
N ILE B 38 -10.02 -28.83 3.71
CA ILE B 38 -10.88 -27.69 3.46
C ILE B 38 -11.90 -27.81 4.57
N ALA B 39 -11.86 -26.87 5.51
CA ALA B 39 -12.77 -26.92 6.64
C ALA B 39 -13.12 -25.54 7.17
N THR B 41 -14.05 -22.53 9.88
CA THR B 41 -13.46 -22.00 11.09
C THR B 41 -14.30 -20.79 11.48
N THR B 42 -14.53 -20.61 12.76
CA THR B 42 -15.29 -19.46 13.21
C THR B 42 -14.30 -18.31 13.02
N GLY B 43 -14.83 -17.12 12.79
CA GLY B 43 -13.96 -15.97 12.59
C GLY B 43 -14.68 -14.70 12.95
N GLY B 44 -13.99 -13.57 12.78
CA GLY B 44 -14.59 -12.30 13.12
C GLY B 44 -13.98 -11.83 14.42
N ASP B 45 -13.83 -10.52 14.56
CA ASP B 45 -13.25 -9.93 15.75
C ASP B 45 -14.02 -10.33 16.99
N ALA B 46 -15.34 -10.17 16.93
CA ALA B 46 -16.19 -10.47 18.07
C ALA B 46 -16.07 -11.91 18.57
N ILE B 47 -16.13 -12.87 17.65
CA ILE B 47 -16.02 -14.27 18.04
C ILE B 47 -14.65 -14.60 18.63
N ASN B 48 -13.61 -14.12 17.97
CA ASN B 48 -12.26 -14.37 18.45
C ASN B 48 -12.05 -13.83 19.87
N GLU B 49 -12.52 -12.62 20.13
CA GLU B 49 -12.37 -12.03 21.45
C GLU B 49 -13.17 -12.79 22.50
N ALA B 50 -14.45 -13.03 22.21
CA ALA B 50 -15.30 -13.78 23.15
C ALA B 50 -14.62 -15.10 23.49
N THR B 51 -14.07 -15.76 22.47
CA THR B 51 -13.39 -17.04 22.65
C THR B 51 -12.17 -16.92 23.55
N ILE B 52 -11.26 -16.00 23.24
CA ILE B 52 -10.06 -15.87 24.04
C ILE B 52 -10.35 -15.34 25.43
N ILE B 53 -11.27 -14.38 25.55
CA ILE B 53 -11.59 -13.85 26.86
C ILE B 53 -12.14 -15.00 27.72
N SER B 54 -12.90 -15.89 27.09
CA SER B 54 -13.48 -17.03 27.81
C SER B 54 -12.41 -18.00 28.28
N ARG B 55 -11.45 -18.28 27.41
CA ARG B 55 -10.37 -19.18 27.78
C ARG B 55 -9.49 -18.56 28.85
N LEU B 56 -9.48 -17.23 28.93
CA LEU B 56 -8.65 -16.56 29.93
C LEU B 56 -9.33 -16.55 31.30
N GLY B 57 -10.54 -17.10 31.35
CA GLY B 57 -11.24 -17.20 32.62
C GLY B 57 -12.34 -16.21 32.90
N HIS B 58 -12.80 -15.47 31.89
CA HIS B 58 -13.86 -14.49 32.12
C HIS B 58 -15.07 -14.80 31.25
N ARG B 59 -16.23 -14.91 31.89
CA ARG B 59 -17.46 -15.24 31.17
C ARG B 59 -17.92 -14.11 30.26
N THR B 60 -18.15 -14.46 29.01
CA THR B 60 -18.54 -13.50 27.99
C THR B 60 -19.79 -13.91 27.25
N ALA B 61 -20.55 -12.90 26.80
CA ALA B 61 -21.75 -13.13 26.04
C ALA B 61 -21.53 -12.46 24.69
N LEU B 62 -22.01 -13.09 23.63
CA LEU B 62 -21.84 -12.53 22.32
C LEU B 62 -23.17 -12.02 21.77
N SER B 64 -25.03 -10.71 18.64
CA SER B 64 -24.91 -10.66 17.19
C SER B 64 -26.16 -11.24 16.57
N ARG B 65 -26.16 -11.31 15.24
CA ARG B 65 -27.28 -11.89 14.52
C ARG B 65 -26.71 -12.59 13.31
N ILE B 66 -27.00 -13.88 13.21
CA ILE B 66 -26.52 -14.68 12.11
C ILE B 66 -27.71 -15.26 11.37
N GLY B 67 -27.46 -16.03 10.33
CA GLY B 67 -28.54 -16.62 9.58
C GLY B 67 -28.97 -17.90 10.26
N LYS B 68 -30.20 -18.33 10.01
CA LYS B 68 -30.65 -19.58 10.60
C LYS B 68 -30.33 -20.65 9.57
N ASP B 69 -29.04 -20.79 9.29
CA ASP B 69 -28.55 -21.76 8.32
C ASP B 69 -27.53 -22.67 8.97
N ALA B 70 -26.90 -23.52 8.15
CA ALA B 70 -25.90 -24.46 8.66
C ALA B 70 -24.71 -23.74 9.27
N ALA B 71 -24.24 -22.70 8.59
CA ALA B 71 -23.10 -21.92 9.08
C ALA B 71 -23.42 -21.33 10.45
N GLY B 72 -24.62 -20.78 10.60
CA GLY B 72 -25.03 -20.21 11.86
C GLY B 72 -24.98 -21.24 12.97
N GLN B 73 -25.57 -22.40 12.73
CA GLN B 73 -25.58 -23.47 13.73
C GLN B 73 -24.15 -23.80 14.13
N PHE B 74 -23.24 -23.77 13.16
CA PHE B 74 -21.83 -24.05 13.42
C PHE B 74 -21.25 -23.05 14.44
N ILE B 75 -21.57 -21.78 14.26
CA ILE B 75 -21.09 -20.75 15.18
C ILE B 75 -21.66 -21.01 16.57
N LEU B 76 -22.94 -21.37 16.63
CA LEU B 76 -23.58 -21.66 17.90
C LEU B 76 -22.93 -22.88 18.56
N ASP B 77 -22.50 -23.85 17.76
CA ASP B 77 -21.85 -25.02 18.32
C ASP B 77 -20.50 -24.61 18.93
N HIS B 78 -19.80 -23.71 18.26
CA HIS B 78 -18.49 -23.23 18.74
C HIS B 78 -18.67 -22.47 20.05
N CYS B 79 -19.68 -21.60 20.10
CA CYS B 79 -19.92 -20.82 21.31
C CYS B 79 -20.22 -21.70 22.52
N ARG B 80 -21.17 -22.63 22.36
CA ARG B 80 -21.55 -23.52 23.45
C ARG B 80 -20.35 -24.25 24.00
N LYS B 81 -19.54 -24.73 23.09
CA LYS B 81 -18.34 -25.44 23.43
C LYS B 81 -17.35 -24.56 24.21
N GLU B 82 -17.26 -23.28 23.86
CA GLU B 82 -16.35 -22.35 24.53
C GLU B 82 -16.99 -21.71 25.75
N ASN B 83 -18.23 -22.10 26.04
CA ASN B 83 -18.97 -21.57 27.18
C ASN B 83 -19.28 -20.09 27.04
N ILE B 84 -19.51 -19.67 25.80
CA ILE B 84 -19.86 -18.29 25.52
C ILE B 84 -21.39 -18.24 25.61
N ASP B 85 -21.92 -17.25 26.32
CA ASP B 85 -23.37 -17.11 26.43
C ASP B 85 -23.92 -16.65 25.07
N ILE B 86 -24.87 -17.41 24.51
CA ILE B 86 -25.43 -17.07 23.19
C ILE B 86 -26.90 -16.66 23.21
N GLN B 87 -27.37 -16.26 24.38
CA GLN B 87 -28.74 -15.82 24.56
C GLN B 87 -29.08 -14.67 23.61
N SER B 88 -28.15 -13.73 23.47
CA SER B 88 -28.35 -12.56 22.62
C SER B 88 -27.83 -12.74 21.20
N LEU B 89 -27.47 -13.97 20.84
CA LEU B 89 -26.97 -14.26 19.50
C LEU B 89 -28.10 -14.89 18.71
N LYS B 90 -28.91 -14.05 18.07
CA LYS B 90 -30.08 -14.49 17.32
C LYS B 90 -29.85 -15.03 15.93
N GLN B 91 -30.74 -15.94 15.54
CA GLN B 91 -30.70 -16.51 14.20
C GLN B 91 -31.83 -15.86 13.43
N ASP B 92 -31.56 -15.47 12.20
CA ASP B 92 -32.55 -14.82 11.34
C ASP B 92 -32.72 -15.63 10.06
N VAL B 93 -33.95 -16.02 9.77
CA VAL B 93 -34.27 -16.82 8.59
C VAL B 93 -34.03 -16.06 7.27
N SER B 94 -34.15 -14.74 7.31
CA SER B 94 -33.99 -13.92 6.11
C SER B 94 -32.56 -13.57 5.70
N ILE B 95 -31.56 -13.95 6.50
CA ILE B 95 -30.18 -13.61 6.13
C ILE B 95 -29.26 -14.80 6.06
N ASP B 96 -28.21 -14.67 5.25
CA ASP B 96 -27.21 -15.70 5.11
C ASP B 96 -26.04 -15.35 6.03
N THR B 97 -25.59 -16.30 6.83
CA THR B 97 -24.45 -16.06 7.70
C THR B 97 -23.27 -15.84 6.76
N SER B 98 -22.50 -14.79 7.02
CA SER B 98 -21.34 -14.45 6.19
C SER B 98 -20.27 -15.54 6.19
N ILE B 99 -19.79 -15.86 4.99
CA ILE B 99 -18.74 -16.84 4.83
C ILE B 99 -17.61 -16.21 4.04
N ASN B 100 -16.44 -16.10 4.64
CA ASN B 100 -15.29 -15.53 3.96
C ASN B 100 -14.41 -16.66 3.46
N VAL B 101 -14.11 -16.65 2.16
CA VAL B 101 -13.23 -17.65 1.60
C VAL B 101 -11.88 -16.97 1.48
N GLY B 102 -10.88 -17.52 2.14
CA GLY B 102 -9.55 -16.93 2.11
C GLY B 102 -8.57 -17.71 1.26
N LEU B 103 -8.03 -17.04 0.24
CA LEU B 103 -7.07 -17.67 -0.64
C LEU B 103 -5.68 -17.16 -0.29
N VAL B 104 -4.75 -18.08 -0.09
CA VAL B 104 -3.39 -17.71 0.26
C VAL B 104 -2.41 -18.43 -0.63
N THR B 105 -1.46 -17.66 -1.16
CA THR B 105 -0.45 -18.20 -2.05
C THR B 105 0.62 -18.90 -1.23
N GLU B 106 1.32 -19.82 -1.88
CA GLU B 106 2.39 -20.58 -1.26
C GLU B 106 3.46 -19.66 -0.66
N ASP B 107 3.49 -18.41 -1.12
CA ASP B 107 4.51 -17.49 -0.63
C ASP B 107 4.03 -16.10 -0.22
N GLY B 108 3.02 -16.04 0.65
CA GLY B 108 2.56 -14.74 1.14
C GLY B 108 1.19 -14.18 0.81
N GLU B 109 0.96 -13.87 -0.45
CA GLU B 109 -0.28 -13.27 -0.95
C GLU B 109 -1.62 -13.78 -0.39
N ARG B 110 -2.47 -12.84 0.01
CA ARG B 110 -3.79 -13.14 0.56
C ARG B 110 -4.90 -12.33 -0.09
N THR B 111 -6.01 -12.98 -0.38
CA THR B 111 -7.17 -12.31 -0.95
C THR B 111 -8.39 -12.96 -0.34
N PHE B 112 -9.47 -12.21 -0.23
CA PHE B 112 -10.68 -12.75 0.38
C PHE B 112 -11.89 -12.53 -0.51
N VAL B 113 -12.68 -13.58 -0.70
CA VAL B 113 -13.89 -13.46 -1.47
C VAL B 113 -14.95 -13.37 -0.39
N THR B 114 -15.79 -12.35 -0.46
CA THR B 114 -16.80 -12.16 0.57
C THR B 114 -18.21 -11.99 0.03
N ASN B 115 -19.16 -11.97 0.97
CA ASN B 115 -20.57 -11.82 0.65
C ASN B 115 -21.00 -10.41 1.06
N ARG B 116 -21.09 -9.51 0.09
CA ARG B 116 -21.48 -8.13 0.34
C ARG B 116 -22.85 -8.02 1.01
N ASN B 117 -23.62 -9.10 0.98
CA ASN B 117 -24.95 -9.12 1.58
C ASN B 117 -25.05 -9.99 2.83
N GLY B 118 -23.89 -10.42 3.33
CA GLY B 118 -23.84 -11.27 4.50
C GLY B 118 -24.33 -10.67 5.80
N SER B 119 -24.54 -11.54 6.77
CA SER B 119 -25.01 -11.15 8.10
C SER B 119 -24.13 -10.05 8.68
N LEU B 120 -22.84 -10.10 8.37
CA LEU B 120 -21.92 -9.08 8.89
C LEU B 120 -22.41 -7.68 8.54
N TRP B 121 -22.88 -7.51 7.31
CA TRP B 121 -23.36 -6.23 6.84
C TRP B 121 -24.72 -5.84 7.38
N LYS B 122 -25.48 -6.81 7.88
CA LYS B 122 -26.82 -6.55 8.39
C LYS B 122 -26.90 -6.14 9.86
N LEU B 123 -25.83 -6.38 10.60
CA LEU B 123 -25.85 -6.05 12.02
C LEU B 123 -26.18 -4.58 12.26
N ASN B 124 -27.11 -4.33 13.18
CA ASN B 124 -27.51 -2.96 13.51
C ASN B 124 -27.94 -2.88 14.97
N ILE B 125 -28.25 -1.68 15.43
CA ILE B 125 -28.62 -1.47 16.82
C ILE B 125 -29.77 -2.32 17.35
N ASP B 126 -30.70 -2.71 16.49
CA ASP B 126 -31.81 -3.52 16.97
C ASP B 126 -31.35 -4.91 17.45
N ASP B 127 -30.15 -5.30 17.07
CA ASP B 127 -29.61 -6.59 17.47
C ASP B 127 -28.96 -6.48 18.84
N VAL B 128 -28.97 -5.27 19.40
CA VAL B 128 -28.39 -5.04 20.71
C VAL B 128 -29.45 -4.97 21.79
N ASP B 129 -29.32 -5.82 22.80
CA ASP B 129 -30.27 -5.88 23.90
C ASP B 129 -29.77 -5.13 25.14
N PHE B 130 -30.19 -3.87 25.24
CA PHE B 130 -29.78 -3.03 26.36
C PHE B 130 -30.20 -3.54 27.73
N ALA B 131 -31.19 -4.43 27.77
CA ALA B 131 -31.66 -4.99 29.03
C ALA B 131 -30.58 -5.79 29.76
N ARG B 132 -29.74 -6.50 29.00
CA ARG B 132 -28.69 -7.30 29.61
C ARG B 132 -27.45 -6.52 30.04
N PHE B 133 -27.36 -5.27 29.63
CA PHE B 133 -26.21 -4.45 29.99
C PHE B 133 -25.96 -4.36 31.49
N SER B 134 -26.99 -4.58 32.30
CA SER B 134 -26.82 -4.51 33.75
C SER B 134 -26.24 -5.80 34.32
N GLN B 135 -26.09 -6.81 33.47
CA GLN B 135 -25.55 -8.09 33.90
C GLN B 135 -24.03 -8.23 33.72
N ALA B 136 -23.41 -7.25 33.08
CA ALA B 136 -21.97 -7.31 32.83
C ALA B 136 -21.23 -6.05 33.24
N LYS B 137 -19.92 -6.17 33.36
CA LYS B 137 -19.07 -5.06 33.77
C LYS B 137 -18.44 -4.35 32.60
N LEU B 138 -18.17 -5.08 31.53
CA LEU B 138 -17.51 -4.48 30.40
C LEU B 138 -18.15 -4.74 29.04
N LEU B 139 -18.17 -3.70 28.23
CA LEU B 139 -18.72 -3.79 26.90
C LEU B 139 -17.56 -3.70 25.93
N SER B 140 -17.52 -4.62 24.97
CA SER B 140 -16.46 -4.61 23.99
C SER B 140 -17.09 -4.52 22.62
N LEU B 141 -16.86 -3.40 21.93
CA LEU B 141 -17.41 -3.29 20.59
C LEU B 141 -16.34 -3.85 19.68
N ALA B 142 -16.57 -5.08 19.25
CA ALA B 142 -15.62 -5.75 18.41
C ALA B 142 -15.57 -5.14 17.03
N SER B 143 -14.91 -3.98 16.97
CA SER B 143 -14.66 -3.26 15.75
C SER B 143 -15.61 -2.23 15.17
N ILE B 144 -15.32 -0.98 15.53
CA ILE B 144 -16.05 0.14 14.98
C ILE B 144 -15.77 0.07 13.48
N PHE B 145 -16.80 0.32 12.66
CA PHE B 145 -16.71 0.28 11.20
C PHE B 145 -16.90 -1.09 10.57
N ASN B 146 -16.75 -2.15 11.35
CA ASN B 146 -16.89 -3.50 10.81
C ASN B 146 -18.29 -3.72 10.23
N SER B 147 -19.32 -3.37 11.01
CA SER B 147 -20.70 -3.47 10.56
C SER B 147 -21.18 -2.04 10.39
N PRO B 148 -21.16 -1.54 9.15
CA PRO B 148 -21.56 -0.19 8.73
C PRO B 148 -22.81 0.37 9.38
N LEU B 149 -23.86 -0.44 9.52
CA LEU B 149 -25.10 0.03 10.11
C LEU B 149 -24.91 0.54 11.53
N LEU B 150 -23.84 0.11 12.18
CA LEU B 150 -23.54 0.57 13.53
C LEU B 150 -22.66 1.81 13.37
N ASP B 151 -23.24 2.89 12.84
CA ASP B 151 -22.52 4.13 12.62
C ASP B 151 -22.43 4.94 13.90
N GLY B 152 -21.88 6.15 13.77
CA GLY B 152 -21.71 7.04 14.91
C GLY B 152 -22.93 7.28 15.75
N LYS B 153 -24.09 7.43 15.11
CA LYS B 153 -25.34 7.67 15.84
C LYS B 153 -25.74 6.46 16.67
N ALA B 154 -25.70 5.28 16.07
CA ALA B 154 -26.05 4.05 16.78
C ALA B 154 -25.08 3.78 17.93
N LEU B 155 -23.78 3.93 17.68
CA LEU B 155 -22.79 3.70 18.74
C LEU B 155 -23.00 4.64 19.92
N THR B 156 -23.27 5.90 19.62
CA THR B 156 -23.51 6.90 20.67
C THR B 156 -24.64 6.39 21.56
N GLU B 157 -25.70 5.92 20.92
CA GLU B 157 -26.86 5.39 21.64
C GLU B 157 -26.47 4.16 22.46
N ILE B 158 -25.75 3.24 21.85
CA ILE B 158 -25.32 2.02 22.52
C ILE B 158 -24.42 2.35 23.71
N PHE B 159 -23.45 3.22 23.49
CA PHE B 159 -22.53 3.61 24.54
C PHE B 159 -23.22 4.40 25.66
N THR B 160 -24.26 5.15 25.32
CA THR B 160 -24.97 5.93 26.33
C THR B 160 -25.71 4.96 27.24
N GLN B 161 -26.23 3.90 26.64
CA GLN B 161 -26.94 2.88 27.40
C GLN B 161 -25.96 2.15 28.31
N ALA B 162 -24.79 1.84 27.78
CA ALA B 162 -23.76 1.14 28.55
C ALA B 162 -23.26 1.98 29.72
N LYS B 163 -23.06 3.28 29.47
CA LYS B 163 -22.57 4.17 30.52
C LYS B 163 -23.58 4.42 31.62
N ALA B 164 -24.86 4.37 31.29
CA ALA B 164 -25.90 4.57 32.30
C ALA B 164 -25.90 3.40 33.27
N ARG B 165 -25.18 2.34 32.90
CA ARG B 165 -25.10 1.17 33.75
C ARG B 165 -23.67 0.98 34.24
N GLN B 166 -22.90 2.06 34.14
CA GLN B 166 -21.49 2.12 34.57
C GLN B 166 -20.55 1.08 34.00
N ILE B 168 -17.58 -0.54 31.61
CA ILE B 168 -16.31 -0.06 31.07
C ILE B 168 -16.47 -0.33 29.57
N ILE B 169 -16.24 0.68 28.74
CA ILE B 169 -16.40 0.53 27.30
C ILE B 169 -15.08 0.43 26.56
N CYS B 170 -14.89 -0.69 25.87
CA CYS B 170 -13.69 -0.93 25.09
C CYS B 170 -14.08 -1.05 23.64
N ALA B 171 -13.23 -0.57 22.76
CA ALA B 171 -13.54 -0.63 21.35
C ALA B 171 -12.30 -0.85 20.52
N ASP B 172 -12.48 -1.71 19.53
CA ASP B 172 -11.43 -2.04 18.60
C ASP B 172 -11.89 -1.39 17.27
N ILE B 174 -11.36 -1.07 12.62
CA ILE B 174 -10.90 -1.60 11.34
C ILE B 174 -10.92 -0.39 10.42
N LYS B 175 -10.46 -0.55 9.18
CA LYS B 175 -10.49 0.55 8.23
C LYS B 175 -11.93 0.74 7.75
N PRO B 176 -12.36 1.99 7.61
CA PRO B 176 -13.73 2.30 7.16
C PRO B 176 -14.06 1.61 5.84
N ARG B 177 -15.26 1.04 5.76
CA ARG B 177 -15.70 0.35 4.55
C ARG B 177 -16.44 1.29 3.61
N LEU B 178 -17.11 2.30 4.17
CA LEU B 178 -17.88 3.23 3.35
C LEU B 178 -17.45 4.69 3.44
N ASN B 179 -16.14 4.94 3.42
CA ASN B 179 -15.60 6.29 3.48
C ASN B 179 -15.92 7.09 4.73
N GLU B 180 -16.22 6.41 5.84
CA GLU B 180 -16.50 7.14 7.06
C GLU B 180 -15.21 7.80 7.54
N THR B 181 -15.32 8.97 8.14
CA THR B 181 -14.15 9.68 8.65
C THR B 181 -14.23 9.68 10.17
N LEU B 182 -13.15 10.13 10.80
CA LEU B 182 -13.09 10.19 12.26
C LEU B 182 -14.20 11.09 12.80
N ASP B 183 -14.60 12.09 12.01
CA ASP B 183 -15.67 12.96 12.45
C ASP B 183 -17.01 12.23 12.53
N ASP B 184 -17.16 11.17 11.74
CA ASP B 184 -18.39 10.40 11.76
C ASP B 184 -18.59 9.62 13.06
N ILE B 185 -17.53 9.49 13.86
CA ILE B 185 -17.63 8.73 15.10
C ILE B 185 -17.02 9.43 16.31
N CYS B 186 -16.68 10.70 16.17
CA CYS B 186 -16.04 11.45 17.26
C CYS B 186 -16.96 11.55 18.48
N GLU B 187 -18.26 11.75 18.26
CA GLU B 187 -19.15 11.83 19.41
C GLU B 187 -19.20 10.48 20.14
N ALA B 188 -19.26 9.40 19.37
CA ALA B 188 -19.31 8.07 19.97
C ALA B 188 -18.04 7.84 20.77
N LEU B 189 -16.90 8.21 20.18
CA LEU B 189 -15.62 8.00 20.85
C LEU B 189 -15.51 8.63 22.25
N SER B 190 -16.24 9.70 22.50
CA SER B 190 -16.18 10.37 23.80
C SER B 190 -16.69 9.51 24.95
N TYR B 191 -17.32 8.37 24.63
CA TYR B 191 -17.82 7.47 25.67
C TYR B 191 -16.85 6.31 25.89
N VAL B 192 -15.88 6.14 25.01
CA VAL B 192 -14.94 5.03 25.11
C VAL B 192 -13.87 5.22 26.18
N ASP B 193 -13.66 4.18 26.98
CA ASP B 193 -12.66 4.18 28.03
C ASP B 193 -11.32 3.69 27.48
N TYR B 194 -11.35 2.62 26.71
CA TYR B 194 -10.14 2.05 26.11
C TYR B 194 -10.35 1.81 24.61
N LEU B 195 -9.52 2.43 23.80
CA LEU B 195 -9.58 2.28 22.35
C LEU B 195 -8.30 1.55 21.94
N PHE B 196 -8.44 0.56 21.05
CA PHE B 196 -7.30 -0.23 20.59
C PHE B 196 -7.08 -0.13 19.07
N PRO B 197 -6.61 1.03 18.58
CA PRO B 197 -6.40 1.12 17.13
C PRO B 197 -5.11 0.42 16.68
N ASN B 198 -5.07 0.02 15.42
CA ASN B 198 -3.89 -0.60 14.85
C ASN B 198 -3.12 0.59 14.32
N PHE B 199 -1.79 0.57 14.47
CA PHE B 199 -0.96 1.69 14.04
C PHE B 199 -1.19 2.15 12.59
N ALA B 200 -0.96 1.26 11.64
CA ALA B 200 -1.12 1.59 10.22
C ALA B 200 -2.50 2.18 9.92
N GLU B 201 -3.55 1.51 10.37
CA GLU B 201 -4.91 1.96 10.14
C GLU B 201 -5.23 3.27 10.86
N ALA B 202 -4.60 3.50 12.00
CA ALA B 202 -4.84 4.74 12.72
C ALA B 202 -4.21 5.91 11.94
N LYS B 203 -3.06 5.66 11.32
CA LYS B 203 -2.39 6.68 10.52
C LYS B 203 -3.29 7.14 9.37
N LEU B 204 -3.90 6.18 8.69
CA LEU B 204 -4.78 6.50 7.58
C LEU B 204 -5.98 7.30 8.06
N LEU B 205 -6.61 6.81 9.12
CA LEU B 205 -7.80 7.46 9.66
C LEU B 205 -7.58 8.88 10.18
N THR B 206 -6.56 9.06 11.00
CA THR B 206 -6.27 10.37 11.58
C THR B 206 -5.49 11.27 10.64
N GLY B 207 -4.70 10.66 9.76
CA GLY B 207 -3.90 11.44 8.84
C GLY B 207 -2.60 11.90 9.47
N LYS B 208 -2.25 11.30 10.61
CA LYS B 208 -1.02 11.65 11.32
C LYS B 208 0.07 10.60 11.17
N GLU B 209 1.31 10.98 11.43
CA GLU B 209 2.46 10.09 11.31
C GLU B 209 3.02 9.63 12.64
N THR B 210 2.87 10.48 13.64
CA THR B 210 3.38 10.20 14.98
C THR B 210 2.39 9.50 15.89
N LEU B 211 2.87 8.51 16.64
CA LEU B 211 2.03 7.78 17.59
C LEU B 211 1.41 8.82 18.51
N ASP B 212 2.24 9.72 18.98
CA ASP B 212 1.84 10.80 19.88
C ASP B 212 0.73 11.62 19.21
N GLU B 213 0.90 11.87 17.91
CA GLU B 213 -0.04 12.66 17.11
C GLU B 213 -1.36 11.91 16.96
N ILE B 214 -1.23 10.67 16.52
CA ILE B 214 -2.36 9.79 16.31
C ILE B 214 -3.17 9.65 17.58
N ALA B 215 -2.52 9.23 18.66
CA ALA B 215 -3.18 9.07 19.95
C ALA B 215 -3.93 10.36 20.29
N ASP B 216 -3.33 11.48 19.94
CA ASP B 216 -3.92 12.77 20.21
C ASP B 216 -5.26 13.06 19.52
N CYS B 217 -5.41 12.61 18.28
CA CYS B 217 -6.68 12.84 17.60
C CYS B 217 -7.80 12.13 18.34
N PHE B 218 -7.52 10.91 18.81
CA PHE B 218 -8.51 10.16 19.55
C PHE B 218 -8.82 10.78 20.88
N LEU B 219 -7.79 11.18 21.61
CA LEU B 219 -7.97 11.82 22.91
C LEU B 219 -8.80 13.09 22.74
N ALA B 220 -8.63 13.75 21.59
CA ALA B 220 -9.38 14.97 21.31
C ALA B 220 -10.88 14.69 21.28
N CYS B 221 -11.27 13.51 20.81
CA CYS B 221 -12.69 13.14 20.75
C CYS B 221 -13.27 12.71 22.09
N GLY B 222 -12.43 12.61 23.11
CA GLY B 222 -12.91 12.24 24.43
C GLY B 222 -12.59 10.83 24.89
N VAL B 223 -11.84 10.08 24.08
CA VAL B 223 -11.43 8.71 24.44
C VAL B 223 -10.55 8.82 25.69
N LYS B 224 -10.80 8.00 26.71
CA LYS B 224 -10.00 8.06 27.93
C LYS B 224 -8.57 7.56 27.76
N THR B 225 -8.45 6.31 27.33
CA THR B 225 -7.15 5.71 27.14
C THR B 225 -7.00 5.13 25.74
N VAL B 226 -5.91 5.48 25.07
CA VAL B 226 -5.68 4.98 23.73
C VAL B 226 -4.55 3.97 23.80
N VAL B 227 -4.79 2.79 23.26
CA VAL B 227 -3.77 1.76 23.26
C VAL B 227 -3.51 1.36 21.82
N ILE B 228 -2.46 1.92 21.24
CA ILE B 228 -2.10 1.64 19.85
C ILE B 228 -1.20 0.41 19.74
N LYS B 229 -1.65 -0.60 19.01
CA LYS B 229 -0.85 -1.81 18.81
C LYS B 229 0.19 -1.54 17.73
N THR B 230 1.45 -1.72 18.08
CA THR B 230 2.55 -1.46 17.14
C THR B 230 3.33 -2.72 16.76
N GLY B 231 2.60 -3.81 16.55
CA GLY B 231 3.24 -5.06 16.16
C GLY B 231 4.40 -5.53 17.00
N LYS B 232 5.55 -5.71 16.35
CA LYS B 232 6.75 -6.19 17.00
C LYS B 232 7.28 -5.27 18.10
N ASP B 233 6.87 -4.02 18.08
CA ASP B 233 7.32 -3.07 19.09
C ASP B 233 6.43 -3.06 20.33
N GLY B 234 5.46 -3.97 20.38
CA GLY B 234 4.57 -4.03 21.52
C GLY B 234 3.38 -3.10 21.32
N CYS B 235 3.26 -2.10 22.21
CA CYS B 235 2.16 -1.15 22.08
C CYS B 235 2.50 0.21 22.67
N PHE B 236 1.74 1.21 22.27
CA PHE B 236 1.92 2.58 22.72
C PHE B 236 0.65 2.96 23.44
N ILE B 237 0.77 3.43 24.67
CA ILE B 237 -0.40 3.83 25.43
C ILE B 237 -0.34 5.30 25.80
N LYS B 238 -1.48 5.98 25.73
CA LYS B 238 -1.54 7.37 26.10
C LYS B 238 -2.87 7.77 26.71
N ARG B 239 -2.80 8.50 27.81
CA ARG B 239 -3.99 8.99 28.51
C ARG B 239 -3.80 10.50 28.63
N GLY B 240 -4.65 11.16 29.41
CA GLY B 240 -4.52 12.59 29.58
C GLY B 240 -3.09 13.01 29.86
N ASP B 241 -2.35 13.29 28.79
CA ASP B 241 -0.95 13.70 28.86
C ASP B 241 0.02 12.54 29.14
N THR B 243 1.96 9.28 28.85
CA THR B 243 2.30 8.40 27.73
C THR B 243 3.15 7.24 28.22
N LYS B 245 5.14 3.37 26.72
CA LYS B 245 5.42 2.37 25.70
C LYS B 245 5.69 1.06 26.40
N VAL B 246 5.16 -0.03 25.85
CA VAL B 246 5.38 -1.34 26.43
C VAL B 246 5.89 -2.29 25.35
N PRO B 247 7.16 -2.68 25.44
CA PRO B 247 7.78 -3.58 24.47
C PRO B 247 7.01 -4.90 24.36
N ALA B 248 7.00 -5.48 23.17
CA ALA B 248 6.32 -6.75 22.96
C ALA B 248 7.19 -7.85 23.56
N VAL B 249 6.67 -9.07 23.56
CA VAL B 249 7.45 -10.18 24.07
C VAL B 249 8.59 -10.34 23.07
N ALA B 250 9.83 -10.22 23.55
CA ALA B 250 10.98 -10.33 22.68
C ALA B 250 11.27 -11.76 22.29
N GLY B 251 12.02 -11.93 21.21
CA GLY B 251 12.39 -13.26 20.76
C GLY B 251 11.27 -14.03 20.08
N ILE B 252 10.13 -13.38 19.87
CA ILE B 252 9.03 -14.04 19.21
C ILE B 252 9.25 -14.02 17.71
N THR B 253 9.44 -15.20 17.12
CA THR B 253 9.65 -15.32 15.70
C THR B 253 8.49 -14.67 14.94
N ALA B 254 7.30 -15.28 15.04
CA ALA B 254 6.07 -14.77 14.40
C ALA B 254 5.68 -15.46 13.11
N ILE B 255 4.83 -16.49 13.25
CA ILE B 255 4.35 -17.28 12.13
C ILE B 255 3.31 -16.54 11.30
N ASP B 256 2.35 -15.92 11.97
CA ASP B 256 1.26 -15.21 11.32
C ASP B 256 0.56 -14.34 12.36
N THR B 257 0.14 -13.14 11.95
CA THR B 257 -0.53 -12.22 12.87
C THR B 257 -2.04 -12.08 12.66
N ILE B 258 -2.66 -13.10 12.09
CA ILE B 258 -4.10 -13.07 11.87
C ILE B 258 -4.74 -13.13 13.25
N GLY B 259 -5.58 -12.13 13.55
CA GLY B 259 -6.25 -12.09 14.84
C GLY B 259 -5.34 -11.73 16.02
N ALA B 260 -4.14 -11.23 15.74
CA ALA B 260 -3.23 -10.86 16.83
C ALA B 260 -3.84 -9.71 17.63
N GLY B 261 -4.55 -8.82 16.93
CA GLY B 261 -5.17 -7.69 17.59
C GLY B 261 -6.31 -8.13 18.50
N ASP B 262 -7.05 -9.15 18.06
CA ASP B 262 -8.17 -9.65 18.86
C ASP B 262 -7.63 -10.32 20.13
N ASN B 263 -6.47 -10.96 20.00
CA ASN B 263 -5.84 -11.64 21.12
C ASN B 263 -5.27 -10.59 22.09
N PHE B 264 -4.68 -9.54 21.53
CA PHE B 264 -4.13 -8.44 22.34
C PHE B 264 -5.25 -7.83 23.20
N ALA B 265 -6.35 -7.45 22.56
CA ALA B 265 -7.48 -6.84 23.26
C ALA B 265 -8.06 -7.78 24.32
N SER B 266 -8.13 -9.08 24.01
CA SER B 266 -8.67 -10.06 24.96
C SER B 266 -7.81 -10.14 26.20
N GLY B 267 -6.50 -10.17 26.02
CA GLY B 267 -5.59 -10.22 27.15
C GLY B 267 -5.68 -8.93 27.97
N PHE B 268 -5.77 -7.81 27.27
CA PHE B 268 -5.87 -6.52 27.94
C PHE B 268 -7.15 -6.49 28.79
N ILE B 269 -8.27 -6.84 28.18
CA ILE B 269 -9.55 -6.86 28.87
C ILE B 269 -9.55 -7.79 30.08
N ALA B 270 -8.89 -8.94 29.95
CA ALA B 270 -8.82 -9.91 31.05
C ALA B 270 -8.07 -9.30 32.22
N ALA B 271 -6.96 -8.63 31.91
CA ALA B 271 -6.15 -7.99 32.96
C ALA B 271 -6.92 -6.85 33.61
N LEU B 272 -7.66 -6.08 32.83
CA LEU B 272 -8.45 -4.98 33.37
C LEU B 272 -9.45 -5.51 34.41
N LEU B 273 -10.19 -6.54 34.02
CA LEU B 273 -11.19 -7.14 34.90
C LEU B 273 -10.55 -7.71 36.15
N GLU B 274 -9.27 -8.08 36.05
CA GLU B 274 -8.58 -8.62 37.20
C GLU B 274 -7.97 -7.50 38.06
N GLY B 275 -8.24 -6.26 37.69
CA GLY B 275 -7.74 -5.12 38.45
C GLY B 275 -6.25 -4.79 38.35
N LYS B 276 -5.59 -5.24 37.31
CA LYS B 276 -4.16 -4.95 37.13
C LYS B 276 -3.94 -3.49 36.75
N ASN B 277 -2.74 -2.97 37.00
CA ASN B 277 -2.46 -1.60 36.61
C ASN B 277 -2.27 -1.56 35.11
N LEU B 278 -2.26 -0.35 34.56
CA LEU B 278 -2.14 -0.16 33.12
C LEU B 278 -0.97 -0.85 32.45
N ARG B 279 0.20 -0.76 33.07
CA ARG B 279 1.38 -1.38 32.48
C ARG B 279 1.25 -2.89 32.41
N GLU B 280 0.78 -3.52 33.48
CA GLU B 280 0.66 -4.97 33.42
C GLU B 280 -0.51 -5.42 32.56
N CYS B 281 -1.48 -4.54 32.32
CA CYS B 281 -2.58 -4.90 31.43
C CYS B 281 -1.95 -5.02 30.04
N ALA B 282 -1.08 -4.06 29.71
CA ALA B 282 -0.41 -4.08 28.41
C ALA B 282 0.49 -5.31 28.28
N ARG B 283 1.21 -5.65 29.35
CA ARG B 283 2.10 -6.81 29.34
C ARG B 283 1.30 -8.08 29.10
N PHE B 284 0.15 -8.18 29.77
CA PHE B 284 -0.68 -9.36 29.59
C PHE B 284 -1.23 -9.41 28.17
N ALA B 285 -1.59 -8.26 27.62
CA ALA B 285 -2.10 -8.18 26.25
C ALA B 285 -1.02 -8.60 25.26
N ASN B 286 0.19 -8.07 25.45
CA ASN B 286 1.33 -8.38 24.59
C ASN B 286 1.66 -9.87 24.68
N ALA B 287 1.54 -10.43 25.88
CA ALA B 287 1.84 -11.85 26.11
C ALA B 287 0.81 -12.77 25.45
N THR B 288 -0.46 -12.38 25.49
CA THR B 288 -1.53 -13.15 24.88
C THR B 288 -1.36 -13.10 23.36
N ALA B 289 -1.07 -11.90 22.85
CA ALA B 289 -0.90 -11.71 21.42
C ALA B 289 0.32 -12.49 20.90
N ALA B 290 1.38 -12.51 21.70
CA ALA B 290 2.61 -13.21 21.31
C ALA B 290 2.33 -14.68 21.06
N ILE B 291 1.62 -15.31 22.00
CA ILE B 291 1.28 -16.71 21.87
C ILE B 291 0.46 -17.01 20.62
N SER B 292 -0.41 -16.07 20.23
CA SER B 292 -1.24 -16.28 19.05
C SER B 292 -0.49 -16.18 17.72
N VAL B 293 0.54 -15.34 17.66
CA VAL B 293 1.30 -15.19 16.42
C VAL B 293 2.22 -16.38 16.16
N LEU B 294 2.34 -17.28 17.13
CA LEU B 294 3.20 -18.46 16.97
C LEU B 294 2.49 -19.60 16.29
N SER B 295 1.16 -19.56 16.28
CA SER B 295 0.38 -20.62 15.64
C SER B 295 -0.44 -20.04 14.51
N VAL B 296 -0.74 -20.86 13.51
CA VAL B 296 -1.55 -20.40 12.39
C VAL B 296 -2.99 -20.36 12.89
N GLY B 297 -3.73 -19.34 12.50
CA GLY B 297 -5.10 -19.23 12.95
C GLY B 297 -5.23 -18.18 14.04
N ALA B 298 -6.42 -17.64 14.21
CA ALA B 298 -6.65 -16.61 15.20
C ALA B 298 -6.72 -17.12 16.65
N THR B 299 -7.53 -18.15 16.89
CA THR B 299 -7.68 -18.70 18.25
C THR B 299 -6.97 -20.04 18.46
N THR B 300 -5.99 -20.33 17.62
CA THR B 300 -5.26 -21.59 17.73
C THR B 300 -4.20 -21.56 18.83
N GLY B 301 -3.46 -20.46 18.91
CA GLY B 301 -2.42 -20.36 19.92
C GLY B 301 -2.84 -20.33 21.38
N VAL B 302 -3.72 -19.40 21.72
CA VAL B 302 -4.17 -19.25 23.11
C VAL B 302 -5.27 -20.25 23.47
N LYS B 303 -4.86 -21.44 23.91
CA LYS B 303 -5.81 -22.48 24.27
C LYS B 303 -6.22 -22.44 25.73
N ASN B 304 -5.36 -21.89 26.57
CA ASN B 304 -5.66 -21.81 27.98
C ASN B 304 -4.81 -20.72 28.60
N ARG B 305 -5.24 -20.27 29.77
CA ARG B 305 -4.57 -19.21 30.47
C ARG B 305 -3.12 -19.52 30.84
N LYS B 306 -2.88 -20.74 31.31
CA LYS B 306 -1.55 -21.16 31.73
C LYS B 306 -0.49 -20.96 30.66
N LEU B 307 -0.87 -21.12 29.40
CA LEU B 307 0.06 -20.94 28.29
C LEU B 307 0.60 -19.50 28.29
N VAL B 308 -0.30 -18.55 28.55
CA VAL B 308 0.06 -17.14 28.58
C VAL B 308 0.87 -16.77 29.82
N GLU B 309 0.43 -17.25 30.98
CA GLU B 309 1.14 -16.94 32.21
C GLU B 309 2.55 -17.51 32.22
N GLN B 310 2.77 -18.64 31.55
CA GLN B 310 4.11 -19.21 31.50
C GLN B 310 4.97 -18.24 30.70
N LEU B 311 4.46 -17.87 29.53
CA LEU B 311 5.19 -16.94 28.67
C LEU B 311 5.43 -15.62 29.40
N LEU B 312 4.54 -15.29 30.33
CA LEU B 312 4.66 -14.03 31.06
C LEU B 312 5.91 -14.01 31.94
N GLU B 313 6.26 -15.14 32.55
CA GLU B 313 7.49 -15.18 33.34
C GLU B 313 8.51 -15.28 32.23
N GLU B 314 9.37 -14.27 32.06
CA GLU B 314 10.40 -14.24 31.02
C GLU B 314 9.91 -13.43 29.81
N TYR B 315 8.95 -12.56 30.06
CA TYR B 315 8.38 -11.70 29.02
C TYR B 315 9.52 -11.09 28.20
N GLU B 316 10.59 -10.73 28.89
CA GLU B 316 11.77 -10.09 28.30
C GLU B 316 12.38 -10.78 27.07
#